data_3RCB
#
_entry.id   3RCB
#
_cell.length_a   72.371
_cell.length_b   103.497
_cell.length_c   145.154
_cell.angle_alpha   90.00
_cell.angle_beta   90.00
_cell.angle_gamma   90.00
#
_symmetry.space_group_name_H-M   'I 2 2 2'
#
loop_
_entity.id
_entity.type
_entity.pdbx_description
1 polymer 'Sugar 3-ketoreductase'
2 non-polymer 'NADP NICOTINAMIDE-ADENINE-DINUCLEOTIDE PHOSPHATE'
3 non-polymer 'CHLORIDE ION'
4 non-polymer 'SODIUM ION'
5 non-polymer 'PHOSPHATE ION'
6 non-polymer "5'-O-[(S)-hydroxy{[(S)-hydroxy(phenoxy)phosphoryl]oxy}phosphoryl]thymidine"
7 water water
#
_entity_poly.entity_id   1
_entity_poly.type   'polypeptide(L)'
_entity_poly.pdbx_seq_one_letter_code
;MGSSHHHHHHENLYFQGHMENPANANPIRVGVIGCADIAWRRALPALEAEPLTEVTAIASRRWDRAKRFTERFGGEPVEG
YPALLERDDVDAVYVPLPAVLHAEWIDRALRAGKHVLAEEPLTTDRPQAERLFAVARERGLLLMENFMFLHHPQHRQVAD
MLDEGVIGEIRSFAASFTIPPKPQGDIRYQADVGGGALLDIGVYPIRAAGLFLGADLEFVGAVLRHERDRDVVVGGNALL
TTRQGVTAQLTFGMEHAYTNNYEFRGSTGRLWMNRVFTPPATYQPVVHIERQDHAEQFVLPAHDQFAKSIRAFAQAVLSG
EHPREWSEDSLRQASLVDAVRTGARDIYFP
;
_entity_poly.pdbx_strand_id   A
#
# COMPACT_ATOMS: atom_id res chain seq x y z
N ASN A 26 -23.10 -15.84 1.16
CA ASN A 26 -22.84 -15.40 2.58
C ASN A 26 -21.55 -14.57 2.77
N PRO A 27 -21.70 -13.24 2.75
CA PRO A 27 -20.63 -12.25 2.67
C PRO A 27 -19.79 -12.35 3.94
N ILE A 28 -18.50 -12.01 3.84
CA ILE A 28 -17.71 -12.08 5.06
C ILE A 28 -17.99 -10.86 5.93
N ARG A 29 -18.12 -11.08 7.22
CA ARG A 29 -18.46 -9.96 8.08
C ARG A 29 -17.21 -9.21 8.50
N VAL A 30 -17.15 -7.94 8.11
CA VAL A 30 -15.96 -7.15 8.35
C VAL A 30 -16.06 -6.20 9.54
N GLY A 31 -15.06 -6.23 10.42
CA GLY A 31 -15.01 -5.22 11.46
C GLY A 31 -13.88 -4.29 11.11
N VAL A 32 -14.06 -2.99 11.32
CA VAL A 32 -12.98 -2.04 11.11
C VAL A 32 -12.36 -1.56 12.42
N ILE A 33 -11.05 -1.62 12.65
CA ILE A 33 -10.55 -0.97 13.87
C ILE A 33 -9.71 0.30 13.65
N GLY A 34 -10.20 1.41 14.23
CA GLY A 34 -9.67 2.73 13.96
C GLY A 34 -10.65 3.26 12.94
N CYS A 35 -11.37 4.32 13.29
CA CYS A 35 -12.09 5.10 12.29
C CYS A 35 -11.14 6.06 11.56
N ALA A 36 -10.27 5.51 10.73
CA ALA A 36 -9.35 6.30 9.93
C ALA A 36 -9.95 7.15 8.82
N ASP A 37 -9.26 8.25 8.50
CA ASP A 37 -9.53 9.03 7.31
C ASP A 37 -9.64 8.10 6.08
N ILE A 38 -8.64 7.25 5.93
CA ILE A 38 -8.51 6.44 4.73
C ILE A 38 -9.61 5.39 4.66
N ALA A 39 -10.06 4.91 5.81
CA ALA A 39 -11.22 4.03 5.85
C ALA A 39 -12.44 4.85 5.48
N TRP A 40 -12.52 6.08 5.98
CA TRP A 40 -13.70 6.91 5.67
C TRP A 40 -13.79 7.17 4.15
N ARG A 41 -12.64 7.48 3.56
CA ARG A 41 -12.60 7.84 2.16
C ARG A 41 -12.48 6.68 1.16
N ARG A 42 -11.75 5.61 1.48
CA ARG A 42 -11.63 4.55 0.50
C ARG A 42 -12.23 3.20 0.91
N ALA A 43 -11.78 2.68 2.05
CA ALA A 43 -12.02 1.28 2.36
C ALA A 43 -13.51 1.07 2.66
N LEU A 44 -14.13 1.94 3.46
CA LEU A 44 -15.49 1.66 3.89
C LEU A 44 -16.49 1.88 2.78
N PRO A 45 -16.34 2.99 2.04
CA PRO A 45 -17.25 2.98 0.89
C PRO A 45 -17.12 1.66 0.13
N ALA A 46 -15.90 1.18 -0.11
CA ALA A 46 -15.73 -0.07 -0.85
C ALA A 46 -16.36 -1.29 -0.16
N LEU A 47 -16.09 -1.42 1.14
CA LEU A 47 -16.60 -2.54 1.92
C LEU A 47 -18.11 -2.53 1.74
N GLU A 48 -18.64 -1.33 1.67
CA GLU A 48 -20.06 -1.11 1.81
C GLU A 48 -20.67 -1.60 0.49
N ALA A 49 -20.01 -1.30 -0.61
CA ALA A 49 -20.58 -1.51 -1.93
C ALA A 49 -20.36 -2.94 -2.39
N GLU A 50 -19.39 -3.59 -1.76
CA GLU A 50 -18.96 -4.93 -2.16
C GLU A 50 -19.93 -5.96 -1.60
N PRO A 51 -20.55 -6.73 -2.51
CA PRO A 51 -21.49 -7.78 -2.14
C PRO A 51 -20.82 -8.81 -1.23
N LEU A 52 -19.55 -9.07 -1.48
CA LEU A 52 -18.88 -10.16 -0.79
C LEU A 52 -18.56 -9.76 0.64
N THR A 53 -18.80 -8.49 0.96
CA THR A 53 -18.48 -8.07 2.32
C THR A 53 -19.52 -7.20 3.01
N GLU A 54 -19.66 -7.45 4.30
CA GLU A 54 -20.69 -6.78 5.11
C GLU A 54 -19.97 -6.13 6.25
N VAL A 55 -20.12 -4.82 6.40
CA VAL A 55 -19.63 -4.15 7.59
C VAL A 55 -20.48 -4.42 8.85
N THR A 56 -20.00 -5.31 9.70
CA THR A 56 -20.76 -5.63 10.88
C THR A 56 -20.42 -4.74 12.07
N ALA A 57 -19.18 -4.25 12.13
CA ALA A 57 -18.75 -3.48 13.29
C ALA A 57 -17.61 -2.51 12.96
N ILE A 58 -17.74 -1.30 13.49
CA ILE A 58 -16.67 -0.31 13.48
C ILE A 58 -16.29 0.11 14.89
N ALA A 59 -15.00 0.02 15.20
CA ALA A 59 -14.46 0.40 16.52
C ALA A 59 -13.63 1.67 16.48
N SER A 60 -13.77 2.45 17.55
CA SER A 60 -13.09 3.72 17.69
C SER A 60 -12.64 3.90 19.12
N ARG A 61 -11.52 4.59 19.35
CA ARG A 61 -11.18 4.99 20.70
C ARG A 61 -12.32 5.80 21.26
N ARG A 62 -13.15 6.44 20.45
CA ARG A 62 -14.27 7.21 20.95
C ARG A 62 -15.57 6.66 20.38
N TRP A 63 -16.50 6.29 21.26
CA TRP A 63 -17.77 5.74 20.81
C TRP A 63 -18.44 6.67 19.79
N ASP A 64 -18.40 7.97 20.04
CA ASP A 64 -19.04 8.92 19.14
C ASP A 64 -18.50 8.83 17.72
N ARG A 65 -17.18 8.67 17.61
CA ARG A 65 -16.52 8.54 16.31
C ARG A 65 -16.98 7.21 15.69
N ALA A 66 -16.87 6.12 16.44
CA ALA A 66 -17.46 4.87 15.97
C ALA A 66 -18.80 5.16 15.36
N LYS A 67 -19.62 5.83 16.16
CA LYS A 67 -20.99 6.08 15.76
C LYS A 67 -21.14 6.96 14.53
N ARG A 68 -20.41 8.06 14.43
CA ARG A 68 -20.41 8.88 13.22
C ARG A 68 -20.15 7.94 12.04
N PHE A 69 -19.23 6.99 12.21
CA PHE A 69 -18.89 6.07 11.12
C PHE A 69 -19.98 5.03 10.81
N THR A 70 -20.54 4.35 11.81
CA THR A 70 -21.65 3.46 11.48
C THR A 70 -22.90 4.16 10.93
N GLU A 71 -23.14 5.43 11.26
CA GLU A 71 -24.32 6.08 10.69
C GLU A 71 -24.10 6.16 9.20
N ARG A 72 -22.85 6.35 8.82
CA ARG A 72 -22.52 6.49 7.41
C ARG A 72 -22.55 5.13 6.68
N PHE A 73 -21.98 4.08 7.25
CA PHE A 73 -21.63 2.91 6.46
C PHE A 73 -22.29 1.65 7.01
N GLY A 74 -23.02 1.74 8.12
CA GLY A 74 -23.74 0.64 8.73
C GLY A 74 -22.83 -0.04 9.72
N GLY A 75 -23.35 -1.06 10.38
CA GLY A 75 -22.66 -1.90 11.35
C GLY A 75 -22.86 -1.38 12.76
N GLU A 76 -22.45 -2.12 13.78
CA GLU A 76 -22.55 -1.68 15.17
C GLU A 76 -21.30 -0.90 15.52
N PRO A 77 -21.49 0.31 16.06
CA PRO A 77 -20.39 1.14 16.54
C PRO A 77 -19.91 0.53 17.85
N VAL A 78 -18.62 0.27 17.99
CA VAL A 78 -18.07 -0.38 19.17
C VAL A 78 -17.08 0.62 19.80
N GLU A 79 -16.97 0.69 21.13
CA GLU A 79 -16.00 1.55 21.76
C GLU A 79 -14.80 0.70 22.18
N GLY A 80 -13.57 1.06 21.81
CA GLY A 80 -12.38 0.22 22.06
C GLY A 80 -12.28 -0.87 21.01
N TYR A 81 -11.07 -1.34 20.75
CA TYR A 81 -10.83 -2.37 19.75
C TYR A 81 -10.95 -3.80 20.28
N PRO A 82 -10.47 -4.10 21.50
CA PRO A 82 -10.71 -5.42 22.05
C PRO A 82 -12.16 -5.85 21.90
N ALA A 83 -13.10 -4.96 22.18
CA ALA A 83 -14.49 -5.40 22.16
C ALA A 83 -14.80 -5.90 20.76
N LEU A 84 -14.27 -5.26 19.72
CA LEU A 84 -14.65 -5.70 18.39
C LEU A 84 -13.97 -7.04 18.13
N LEU A 85 -12.74 -7.22 18.62
CA LEU A 85 -12.09 -8.48 18.35
C LEU A 85 -12.87 -9.64 18.95
N GLU A 86 -13.68 -9.35 19.97
CA GLU A 86 -14.40 -10.40 20.69
C GLU A 86 -15.65 -10.82 19.95
N ARG A 87 -16.13 -10.01 19.01
CA ARG A 87 -17.42 -10.37 18.47
C ARG A 87 -17.36 -11.66 17.66
N ASP A 88 -18.50 -12.34 17.63
CA ASP A 88 -18.61 -13.56 16.84
C ASP A 88 -19.23 -13.19 15.51
N ASP A 89 -19.87 -12.03 15.44
CA ASP A 89 -20.32 -11.62 14.12
C ASP A 89 -19.24 -10.90 13.25
N VAL A 90 -17.97 -11.29 13.43
CA VAL A 90 -16.88 -10.66 12.72
C VAL A 90 -15.89 -11.70 12.20
N ASP A 91 -15.73 -11.84 10.89
CA ASP A 91 -14.84 -12.87 10.35
C ASP A 91 -13.47 -12.29 10.02
N ALA A 92 -13.43 -10.97 9.83
CA ALA A 92 -12.24 -10.35 9.27
C ALA A 92 -12.24 -8.91 9.71
N VAL A 93 -11.02 -8.42 9.86
CA VAL A 93 -10.87 -7.12 10.46
C VAL A 93 -10.05 -6.30 9.48
N TYR A 94 -10.50 -5.08 9.21
CA TYR A 94 -9.70 -4.09 8.46
C TYR A 94 -8.98 -3.24 9.51
N VAL A 95 -7.66 -3.10 9.41
CA VAL A 95 -6.86 -2.32 10.34
C VAL A 95 -6.25 -1.09 9.66
N PRO A 96 -6.95 0.05 9.57
CA PRO A 96 -6.34 1.28 9.03
C PRO A 96 -5.67 2.17 10.10
N LEU A 97 -5.19 1.57 11.17
CA LEU A 97 -4.46 2.30 12.19
C LEU A 97 -3.14 2.85 11.66
N PRO A 98 -2.50 3.76 12.42
CA PRO A 98 -1.10 4.14 12.18
C PRO A 98 -0.09 2.99 12.17
N ALA A 99 0.83 3.05 11.22
CA ALA A 99 1.80 2.00 11.02
C ALA A 99 2.37 1.47 12.31
N VAL A 100 2.71 2.34 13.26
CA VAL A 100 3.54 1.77 14.34
C VAL A 100 2.58 0.95 15.22
N LEU A 101 1.29 1.00 14.91
CA LEU A 101 0.35 0.39 15.83
C LEU A 101 -0.25 -0.85 15.15
N HIS A 102 0.13 -1.10 13.90
CA HIS A 102 -0.35 -2.29 13.20
C HIS A 102 0.01 -3.59 13.91
N ALA A 103 1.26 -3.71 14.34
CA ALA A 103 1.72 -4.99 14.85
C ALA A 103 0.87 -5.51 16.02
N GLU A 104 0.61 -4.66 17.01
CA GLU A 104 -0.17 -5.09 18.15
C GLU A 104 -1.55 -5.61 17.73
N TRP A 105 -2.18 -4.89 16.81
CA TRP A 105 -3.61 -5.10 16.62
C TRP A 105 -3.84 -6.20 15.60
N ILE A 106 -2.89 -6.34 14.69
CA ILE A 106 -3.03 -7.39 13.70
C ILE A 106 -2.76 -8.64 14.50
N ASP A 107 -1.78 -8.61 15.38
CA ASP A 107 -1.43 -9.81 16.12
C ASP A 107 -2.61 -10.17 17.02
N ARG A 108 -3.21 -9.16 17.64
CA ARG A 108 -4.40 -9.47 18.45
C ARG A 108 -5.61 -9.95 17.64
N ALA A 109 -5.75 -9.45 16.41
CA ALA A 109 -6.90 -9.84 15.58
C ALA A 109 -6.71 -11.24 15.05
N LEU A 110 -5.48 -11.57 14.66
CA LEU A 110 -5.23 -12.94 14.25
C LEU A 110 -5.45 -13.87 15.45
N ARG A 111 -5.03 -13.48 16.65
CA ARG A 111 -5.17 -14.40 17.76
C ARG A 111 -6.64 -14.62 18.12
N ALA A 112 -7.48 -13.62 17.88
CA ALA A 112 -8.91 -13.83 18.05
C ALA A 112 -9.49 -14.60 16.87
N GLY A 113 -8.67 -15.20 16.03
CA GLY A 113 -9.28 -15.88 14.89
C GLY A 113 -9.88 -15.03 13.77
N LYS A 114 -9.42 -13.79 13.57
CA LYS A 114 -9.95 -12.95 12.49
C LYS A 114 -8.98 -12.89 11.34
N HIS A 115 -9.42 -13.05 10.11
CA HIS A 115 -8.46 -12.78 9.05
C HIS A 115 -8.26 -11.28 9.07
N VAL A 116 -7.10 -10.84 8.58
CA VAL A 116 -6.71 -9.43 8.55
C VAL A 116 -6.34 -8.77 7.21
N LEU A 117 -6.95 -7.61 6.99
CA LEU A 117 -6.59 -6.73 5.90
C LEU A 117 -5.96 -5.48 6.53
N ALA A 118 -4.64 -5.36 6.37
CA ALA A 118 -3.87 -4.35 7.08
C ALA A 118 -3.44 -3.25 6.11
N GLU A 119 -3.73 -1.98 6.39
CA GLU A 119 -3.31 -0.94 5.44
C GLU A 119 -1.79 -1.03 5.33
N GLU A 120 -1.25 -0.55 4.21
CA GLU A 120 0.19 -0.44 4.02
C GLU A 120 0.70 0.66 4.93
N PRO A 121 1.90 0.52 5.49
CA PRO A 121 2.67 -0.70 5.37
C PRO A 121 2.09 -1.69 6.37
N LEU A 122 2.18 -2.97 6.06
CA LEU A 122 1.79 -4.01 7.01
C LEU A 122 2.28 -3.62 8.40
N THR A 123 3.59 -3.40 8.50
CA THR A 123 4.19 -3.08 9.79
C THR A 123 5.49 -2.28 9.62
N THR A 124 6.33 -2.18 10.65
CA THR A 124 7.44 -1.24 10.58
C THR A 124 8.78 -1.89 10.18
N ASP A 125 8.88 -3.22 10.18
CA ASP A 125 10.19 -3.77 9.89
C ASP A 125 10.02 -5.22 9.49
N ARG A 126 11.05 -5.79 8.88
CA ARG A 126 10.96 -7.14 8.34
C ARG A 126 10.73 -8.19 9.41
N PRO A 127 11.43 -8.09 10.56
CA PRO A 127 11.26 -9.16 11.54
C PRO A 127 9.88 -9.17 12.19
N GLN A 128 9.31 -7.99 12.34
CA GLN A 128 7.96 -7.91 12.86
C GLN A 128 7.00 -8.44 11.81
N ALA A 129 7.31 -8.28 10.52
CA ALA A 129 6.40 -8.72 9.46
C ALA A 129 6.38 -10.26 9.41
N GLU A 130 7.55 -10.90 9.45
CA GLU A 130 7.63 -12.35 9.59
C GLU A 130 6.82 -12.84 10.79
N ARG A 131 6.92 -12.23 11.96
CA ARG A 131 6.17 -12.72 13.12
C ARG A 131 4.66 -12.65 12.89
N LEU A 132 4.16 -11.55 12.30
CA LEU A 132 2.73 -11.48 12.02
C LEU A 132 2.37 -12.56 10.99
N PHE A 133 3.18 -12.78 9.96
CA PHE A 133 2.83 -13.86 9.04
C PHE A 133 2.81 -15.26 9.66
N ALA A 134 3.70 -15.53 10.61
CA ALA A 134 3.82 -16.80 11.31
C ALA A 134 2.59 -17.02 12.18
N VAL A 135 2.14 -15.98 12.86
CA VAL A 135 0.94 -16.08 13.68
C VAL A 135 -0.22 -16.40 12.76
N ALA A 136 -0.24 -15.83 11.56
CA ALA A 136 -1.37 -16.02 10.67
C ALA A 136 -1.29 -17.44 10.10
N ARG A 137 -0.08 -17.84 9.75
CA ARG A 137 0.09 -19.14 9.13
C ARG A 137 -0.40 -20.22 10.11
N GLU A 138 0.06 -20.19 11.35
CA GLU A 138 -0.36 -21.20 12.31
C GLU A 138 -1.86 -21.31 12.44
N ARG A 139 -2.61 -20.27 12.11
CA ARG A 139 -4.03 -20.39 12.36
C ARG A 139 -4.73 -20.46 11.04
N GLY A 140 -3.97 -20.51 9.95
CA GLY A 140 -4.61 -20.63 8.64
C GLY A 140 -5.41 -19.38 8.30
N LEU A 141 -5.07 -18.24 8.93
CA LEU A 141 -5.76 -17.00 8.56
C LEU A 141 -5.03 -16.20 7.47
N LEU A 142 -5.82 -15.48 6.67
CA LEU A 142 -5.25 -14.56 5.71
C LEU A 142 -4.74 -13.30 6.41
N LEU A 143 -3.45 -12.98 6.28
CA LEU A 143 -2.99 -11.59 6.51
C LEU A 143 -2.58 -10.96 5.18
N MET A 144 -3.32 -9.94 4.74
CA MET A 144 -3.09 -9.24 3.49
C MET A 144 -2.68 -7.80 3.78
N GLU A 145 -1.55 -7.37 3.23
CA GLU A 145 -1.11 -5.97 3.29
C GLU A 145 -1.84 -5.26 2.16
N ASN A 146 -2.64 -4.24 2.48
CA ASN A 146 -3.45 -3.56 1.49
C ASN A 146 -2.70 -2.49 0.67
N PHE A 147 -2.09 -2.85 -0.44
CA PHE A 147 -1.60 -1.84 -1.37
C PHE A 147 -2.68 -1.64 -2.44
N MET A 148 -3.61 -0.75 -2.20
CA MET A 148 -4.70 -0.51 -3.15
C MET A 148 -4.12 -0.49 -4.58
N PHE A 149 -3.08 0.31 -4.80
CA PHE A 149 -2.60 0.50 -6.15
C PHE A 149 -2.31 -0.81 -6.89
N LEU A 150 -1.82 -1.85 -6.22
CA LEU A 150 -1.50 -3.10 -6.92
C LEU A 150 -2.74 -3.63 -7.63
N HIS A 151 -3.91 -3.19 -7.18
CA HIS A 151 -5.13 -3.79 -7.73
C HIS A 151 -5.66 -3.01 -8.94
N HIS A 152 -4.89 -2.05 -9.45
CA HIS A 152 -5.38 -1.28 -10.60
C HIS A 152 -4.74 -1.93 -11.79
N PRO A 153 -5.56 -2.27 -12.77
CA PRO A 153 -5.06 -2.91 -13.99
C PRO A 153 -4.11 -2.03 -14.81
N GLN A 154 -4.03 -0.73 -14.53
CA GLN A 154 -3.14 0.10 -15.33
C GLN A 154 -1.69 -0.40 -15.21
N HIS A 155 -1.28 -0.85 -14.03
CA HIS A 155 0.11 -1.27 -13.91
C HIS A 155 0.53 -2.42 -14.80
N ARG A 156 -0.41 -3.34 -14.96
CA ARG A 156 -0.21 -4.51 -15.78
C ARG A 156 -0.31 -4.09 -17.24
N GLN A 157 -1.23 -3.19 -17.60
CA GLN A 157 -1.23 -2.72 -18.98
C GLN A 157 0.11 -2.04 -19.25
N VAL A 158 0.62 -1.36 -18.25
CA VAL A 158 1.88 -0.70 -18.49
C VAL A 158 2.93 -1.79 -18.64
N ALA A 159 2.87 -2.83 -17.79
CA ALA A 159 3.96 -3.80 -17.91
C ALA A 159 3.88 -4.58 -19.23
N ASP A 160 2.69 -4.86 -19.76
CA ASP A 160 2.57 -5.57 -21.03
C ASP A 160 3.17 -4.74 -22.16
N MET A 161 2.94 -3.43 -22.17
CA MET A 161 3.61 -2.61 -23.16
C MET A 161 5.13 -2.74 -23.02
N LEU A 162 5.64 -2.59 -21.79
CA LEU A 162 7.07 -2.75 -21.64
C LEU A 162 7.59 -4.09 -22.16
N ASP A 163 6.95 -5.21 -21.78
CA ASP A 163 7.30 -6.50 -22.33
C ASP A 163 7.22 -6.60 -23.86
N GLU A 164 6.32 -5.83 -24.48
CA GLU A 164 6.22 -5.90 -25.91
C GLU A 164 7.32 -5.08 -26.58
N GLY A 165 8.21 -4.46 -25.81
CA GLY A 165 9.31 -3.72 -26.43
C GLY A 165 9.04 -2.26 -26.72
N VAL A 166 8.00 -1.64 -26.18
CA VAL A 166 7.70 -0.29 -26.67
C VAL A 166 8.84 0.72 -26.51
N ILE A 167 9.74 0.48 -25.56
CA ILE A 167 10.86 1.40 -25.35
C ILE A 167 12.13 0.57 -25.22
N GLY A 168 12.15 -0.62 -25.81
CA GLY A 168 13.36 -1.41 -25.86
C GLY A 168 13.64 -1.87 -24.44
N GLU A 169 14.91 -2.14 -24.14
CA GLU A 169 15.24 -2.75 -22.87
C GLU A 169 15.07 -1.70 -21.76
N ILE A 170 14.79 -2.14 -20.56
CA ILE A 170 14.62 -1.15 -19.53
C ILE A 170 15.97 -0.83 -18.96
N ARG A 171 16.24 0.47 -18.78
CA ARG A 171 17.53 0.86 -18.23
C ARG A 171 17.35 1.32 -16.79
N SER A 172 16.30 2.07 -16.54
CA SER A 172 16.06 2.51 -15.17
C SER A 172 14.61 2.94 -14.98
N PHE A 173 14.29 3.17 -13.70
CA PHE A 173 12.94 3.41 -13.23
C PHE A 173 13.05 4.54 -12.22
N ALA A 174 12.06 5.44 -12.28
CA ALA A 174 11.88 6.46 -11.27
C ALA A 174 10.41 6.43 -10.85
N ALA A 175 10.15 6.67 -9.56
CA ALA A 175 8.79 6.83 -9.06
C ALA A 175 8.83 7.88 -7.97
N SER A 176 7.72 8.59 -7.89
CA SER A 176 7.66 9.66 -6.91
C SER A 176 6.23 9.78 -6.35
N PHE A 177 6.14 9.89 -5.03
CA PHE A 177 4.87 10.24 -4.41
C PHE A 177 5.23 11.29 -3.37
N THR A 178 4.82 12.53 -3.57
CA THR A 178 5.11 13.56 -2.60
C THR A 178 3.84 14.37 -2.42
N ILE A 179 3.63 14.93 -1.24
CA ILE A 179 2.39 15.63 -0.94
C ILE A 179 2.63 16.89 -0.11
N PRO A 180 1.72 17.87 -0.22
CA PRO A 180 1.89 19.07 0.61
C PRO A 180 1.77 18.72 2.09
N PRO A 181 2.40 19.48 3.00
CA PRO A 181 2.33 19.22 4.44
C PRO A 181 0.90 19.31 4.99
N VAL A 193 2.83 8.37 17.35
CA VAL A 193 2.52 7.14 16.62
C VAL A 193 2.61 7.35 15.12
N GLY A 194 2.78 8.61 14.72
CA GLY A 194 3.05 9.00 13.33
C GLY A 194 4.08 8.17 12.58
N GLY A 195 3.73 7.83 11.33
CA GLY A 195 4.67 7.06 10.54
C GLY A 195 5.96 7.75 10.16
N GLY A 196 5.92 9.01 9.79
CA GLY A 196 7.06 9.53 9.05
C GLY A 196 6.80 9.21 7.59
N ALA A 197 7.52 9.88 6.69
CA ALA A 197 7.18 9.94 5.28
C ALA A 197 7.74 8.68 4.59
N LEU A 198 8.76 8.06 5.19
CA LEU A 198 9.24 6.79 4.66
C LEU A 198 8.15 5.72 4.73
N LEU A 199 7.66 5.50 5.95
CA LEU A 199 6.64 4.49 6.25
C LEU A 199 5.30 4.81 5.63
N ASP A 200 4.88 6.07 5.63
CA ASP A 200 3.57 6.29 5.07
C ASP A 200 3.61 6.61 3.59
N ILE A 201 4.74 7.04 3.03
CA ILE A 201 4.64 7.51 1.67
C ILE A 201 5.70 6.84 0.81
N GLY A 202 6.92 6.81 1.32
CA GLY A 202 8.04 6.17 0.67
C GLY A 202 7.67 4.78 0.25
N VAL A 203 6.86 4.10 1.07
CA VAL A 203 6.49 2.74 0.74
C VAL A 203 5.88 2.54 -0.64
N TYR A 204 5.12 3.51 -1.13
CA TYR A 204 4.53 3.37 -2.46
C TYR A 204 5.55 3.24 -3.60
N PRO A 205 6.42 4.25 -3.81
CA PRO A 205 7.40 4.19 -4.90
C PRO A 205 8.28 2.95 -4.71
N ILE A 206 8.48 2.54 -3.45
CA ILE A 206 9.38 1.41 -3.25
C ILE A 206 8.68 0.14 -3.68
N ARG A 207 7.41 -0.05 -3.29
CA ARG A 207 6.64 -1.15 -3.82
C ARG A 207 6.51 -1.14 -5.34
N ALA A 208 6.41 0.05 -5.92
CA ALA A 208 6.26 0.11 -7.38
C ALA A 208 7.55 -0.43 -8.02
N ALA A 209 8.69 -0.11 -7.43
CA ALA A 209 9.95 -0.61 -7.99
C ALA A 209 9.97 -2.13 -7.95
N GLY A 210 9.25 -2.66 -6.96
CA GLY A 210 9.38 -4.05 -6.57
C GLY A 210 8.52 -4.70 -7.63
N LEU A 211 7.34 -4.13 -7.84
CA LEU A 211 6.35 -4.61 -8.80
C LEU A 211 6.93 -4.66 -10.20
N PHE A 212 7.73 -3.65 -10.56
CA PHE A 212 8.14 -3.55 -11.96
C PHE A 212 9.47 -4.21 -12.23
N LEU A 213 10.39 -4.12 -11.27
CA LEU A 213 11.78 -4.54 -11.50
C LEU A 213 12.11 -5.91 -10.92
N GLY A 214 11.33 -6.38 -9.96
CA GLY A 214 11.38 -7.78 -9.56
C GLY A 214 12.02 -7.98 -8.20
N ALA A 215 12.25 -9.23 -7.80
CA ALA A 215 12.59 -9.56 -6.44
C ALA A 215 14.05 -9.29 -6.13
N ASP A 216 14.89 -8.97 -7.10
CA ASP A 216 16.28 -8.80 -6.67
C ASP A 216 16.67 -7.33 -6.46
N LEU A 217 15.81 -6.46 -5.95
CA LEU A 217 16.20 -5.07 -5.79
C LEU A 217 17.13 -4.94 -4.60
N GLU A 218 18.27 -4.29 -4.77
CA GLU A 218 19.16 -4.00 -3.64
C GLU A 218 19.34 -2.52 -3.39
N PHE A 219 19.36 -2.13 -2.12
CA PHE A 219 19.72 -0.79 -1.70
C PHE A 219 21.08 -0.36 -2.25
N VAL A 220 21.19 0.87 -2.75
CA VAL A 220 22.47 1.47 -3.11
C VAL A 220 22.80 2.66 -2.22
N GLY A 221 21.87 3.60 -1.99
CA GLY A 221 22.19 4.76 -1.18
C GLY A 221 20.88 5.50 -1.08
N ALA A 222 20.67 6.31 -0.04
CA ALA A 222 19.44 7.08 0.03
C ALA A 222 19.71 8.26 0.95
N VAL A 223 18.82 9.25 0.96
CA VAL A 223 18.92 10.34 1.91
C VAL A 223 17.54 10.53 2.54
N LEU A 224 17.49 10.80 3.84
CA LEU A 224 16.22 11.06 4.52
C LEU A 224 16.35 12.39 5.25
N ARG A 225 15.45 13.31 4.96
CA ARG A 225 15.33 14.57 5.67
C ARG A 225 14.44 14.42 6.90
N HIS A 226 14.98 14.70 8.08
CA HIS A 226 14.22 14.64 9.32
C HIS A 226 13.97 16.03 9.90
N GLU A 227 12.72 16.30 10.25
CA GLU A 227 12.47 17.59 10.87
C GLU A 227 12.87 17.49 12.34
N ARG A 228 13.84 18.29 12.78
CA ARG A 228 14.27 18.36 14.17
C ARG A 228 13.09 18.70 15.08
N ASP A 229 12.28 19.65 14.61
CA ASP A 229 11.25 20.18 15.50
C ASP A 229 10.41 19.02 16.01
N ARG A 230 9.69 18.31 15.15
CA ARG A 230 8.83 17.20 15.59
C ARG A 230 9.52 15.83 15.61
N ASP A 231 10.79 15.77 15.25
CA ASP A 231 11.52 14.52 15.12
C ASP A 231 10.88 13.49 14.18
N VAL A 232 10.77 13.84 12.90
CA VAL A 232 10.00 13.00 12.00
C VAL A 232 10.60 13.11 10.59
N VAL A 233 10.64 11.98 9.88
CA VAL A 233 11.10 11.94 8.49
C VAL A 233 10.11 12.68 7.62
N VAL A 234 10.55 13.69 6.88
CA VAL A 234 9.56 14.45 6.13
C VAL A 234 9.77 14.25 4.65
N GLY A 235 10.90 13.68 4.27
CA GLY A 235 10.97 13.30 2.87
C GLY A 235 12.27 12.58 2.61
N GLY A 236 12.46 12.06 1.39
CA GLY A 236 13.75 11.48 1.11
C GLY A 236 13.82 11.01 -0.31
N ASN A 237 14.95 10.40 -0.64
CA ASN A 237 15.25 9.96 -1.97
C ASN A 237 16.10 8.73 -1.82
N ALA A 238 15.72 7.67 -2.52
CA ALA A 238 16.45 6.40 -2.44
C ALA A 238 16.89 5.93 -3.84
N LEU A 239 18.02 5.24 -3.88
CA LEU A 239 18.48 4.68 -5.15
C LEU A 239 18.64 3.18 -4.94
N LEU A 240 17.97 2.38 -5.76
CA LEU A 240 18.15 0.93 -5.67
C LEU A 240 18.63 0.36 -7.01
N THR A 241 19.05 -0.90 -7.05
CA THR A 241 19.38 -1.48 -8.32
C THR A 241 19.02 -2.96 -8.34
N THR A 242 18.73 -3.49 -9.52
CA THR A 242 18.74 -4.95 -9.67
C THR A 242 20.20 -5.40 -9.82
N ARG A 243 20.48 -6.69 -9.83
CA ARG A 243 21.86 -7.13 -10.10
C ARG A 243 22.37 -6.91 -11.53
N GLN A 244 21.44 -6.63 -12.45
CA GLN A 244 21.83 -6.28 -13.80
C GLN A 244 22.10 -4.79 -13.95
N GLY A 245 21.94 -4.01 -12.89
CA GLY A 245 22.15 -2.57 -13.00
C GLY A 245 20.98 -1.73 -13.50
N VAL A 246 19.75 -2.26 -13.45
CA VAL A 246 18.58 -1.47 -13.65
C VAL A 246 18.31 -0.78 -12.31
N THR A 247 18.47 0.54 -12.27
CA THR A 247 18.33 1.31 -11.05
C THR A 247 16.91 1.84 -10.87
N ALA A 248 16.57 2.12 -9.62
CA ALA A 248 15.32 2.81 -9.30
C ALA A 248 15.63 4.08 -8.51
N GLN A 249 15.12 5.22 -8.97
CA GLN A 249 15.30 6.45 -8.18
C GLN A 249 13.95 6.86 -7.60
N LEU A 250 13.81 6.80 -6.29
CA LEU A 250 12.46 6.89 -5.69
C LEU A 250 12.49 8.13 -4.83
N THR A 251 11.47 8.97 -5.03
CA THR A 251 11.34 10.19 -4.24
C THR A 251 10.05 10.11 -3.44
N PHE A 252 10.07 10.63 -2.22
CA PHE A 252 8.83 10.70 -1.43
C PHE A 252 8.89 11.84 -0.40
N GLY A 253 7.74 12.31 0.05
CA GLY A 253 7.82 13.25 1.14
C GLY A 253 6.53 14.00 1.36
N MET A 254 6.54 14.79 2.42
CA MET A 254 5.34 15.56 2.74
C MET A 254 5.61 17.04 2.94
N GLU A 255 6.64 17.57 2.29
CA GLU A 255 6.97 18.98 2.38
C GLU A 255 7.07 19.48 0.95
N HIS A 256 6.16 19.06 0.08
CA HIS A 256 6.40 19.18 -1.35
C HIS A 256 5.13 19.53 -2.10
N ALA A 257 5.26 19.78 -3.40
CA ALA A 257 4.01 19.89 -4.13
C ALA A 257 3.63 18.47 -4.48
N TYR A 258 2.37 18.26 -4.82
CA TYR A 258 1.92 16.92 -5.11
C TYR A 258 2.52 16.29 -6.38
N THR A 259 3.11 15.12 -6.24
CA THR A 259 3.46 14.38 -7.44
C THR A 259 3.25 12.93 -7.10
N ASN A 260 2.96 12.17 -8.16
CA ASN A 260 2.40 10.86 -7.94
C ASN A 260 2.61 10.17 -9.26
N ASN A 261 3.86 9.78 -9.53
CA ASN A 261 4.16 9.26 -10.87
C ASN A 261 5.26 8.22 -10.92
N TYR A 262 5.41 7.63 -12.10
CA TYR A 262 6.59 6.86 -12.38
C TYR A 262 7.05 6.92 -13.84
N GLU A 263 8.29 6.50 -14.09
CA GLU A 263 8.94 6.68 -15.38
C GLU A 263 9.94 5.55 -15.59
N PHE A 264 9.89 5.03 -16.81
CA PHE A 264 10.80 3.96 -17.21
C PHE A 264 11.67 4.55 -18.29
N ARG A 265 12.99 4.50 -18.15
CA ARG A 265 13.90 4.79 -19.26
C ARG A 265 14.33 3.47 -19.89
N GLY A 266 14.11 3.35 -21.20
CA GLY A 266 14.55 2.16 -21.93
C GLY A 266 15.63 2.52 -22.94
N SER A 267 16.09 1.50 -23.67
CA SER A 267 17.16 1.69 -24.62
C SER A 267 16.59 2.36 -25.84
N THR A 268 15.27 2.34 -26.05
CA THR A 268 14.73 3.03 -27.25
C THR A 268 13.58 4.01 -27.04
N GLY A 269 13.33 4.41 -25.79
CA GLY A 269 12.27 5.36 -25.47
C GLY A 269 12.10 5.53 -23.97
N ARG A 270 11.09 6.28 -23.54
CA ARG A 270 10.75 6.34 -22.14
C ARG A 270 9.25 6.27 -22.03
N LEU A 271 8.80 5.94 -20.82
CA LEU A 271 7.37 5.79 -20.61
C LEU A 271 7.20 6.38 -19.21
N TRP A 272 6.23 7.26 -19.09
CA TRP A 272 5.85 7.73 -17.76
C TRP A 272 4.33 7.86 -17.66
N MET A 273 3.87 8.12 -16.43
CA MET A 273 2.43 8.14 -16.20
C MET A 273 2.24 8.88 -14.89
N ASN A 274 1.19 9.68 -14.76
CA ASN A 274 0.82 10.31 -13.50
C ASN A 274 -0.30 9.60 -12.71
N ARG A 275 -0.56 10.02 -11.48
CA ARG A 275 -1.65 9.48 -10.64
C ARG A 275 -1.52 7.98 -10.63
N VAL A 276 -0.30 7.50 -10.53
CA VAL A 276 -0.09 6.08 -10.57
C VAL A 276 -0.52 5.41 -9.27
N PHE A 277 -0.37 6.07 -8.11
CA PHE A 277 -0.74 5.43 -6.86
C PHE A 277 -2.20 5.51 -6.38
N THR A 278 -2.89 6.63 -6.65
CA THR A 278 -4.24 6.92 -6.16
C THR A 278 -5.14 7.48 -7.27
N PRO A 279 -5.23 6.79 -8.40
CA PRO A 279 -6.17 7.30 -9.40
C PRO A 279 -7.61 7.20 -8.92
N PRO A 280 -8.42 8.24 -9.17
CA PRO A 280 -9.83 8.10 -8.76
C PRO A 280 -10.42 6.90 -9.46
N ALA A 281 -11.54 6.37 -8.97
CA ALA A 281 -12.19 5.25 -9.60
C ALA A 281 -12.66 5.61 -10.99
N THR A 282 -12.91 6.86 -11.30
CA THR A 282 -13.44 7.21 -12.63
C THR A 282 -12.36 7.84 -13.51
N TYR A 283 -11.13 7.85 -13.01
CA TYR A 283 -10.09 8.59 -13.71
C TYR A 283 -9.45 7.72 -14.78
N GLN A 284 -9.29 8.24 -16.00
CA GLN A 284 -8.72 7.36 -17.02
C GLN A 284 -7.23 7.60 -17.13
N PRO A 285 -6.40 6.62 -16.77
CA PRO A 285 -4.95 6.79 -16.86
C PRO A 285 -4.56 7.20 -18.28
N VAL A 286 -3.42 7.89 -18.40
CA VAL A 286 -2.85 8.20 -19.70
C VAL A 286 -1.39 7.77 -19.69
N VAL A 287 -1.01 6.79 -20.51
CA VAL A 287 0.37 6.34 -20.58
C VAL A 287 1.07 7.19 -21.62
N HIS A 288 2.17 7.82 -21.21
CA HIS A 288 2.92 8.66 -22.13
C HIS A 288 4.18 7.95 -22.59
N ILE A 289 4.40 7.96 -23.89
CA ILE A 289 5.60 7.33 -24.41
C ILE A 289 6.35 8.25 -25.35
N GLU A 290 7.68 8.21 -25.26
CA GLU A 290 8.44 9.00 -26.23
C GLU A 290 9.53 8.12 -26.76
N ARG A 291 9.78 8.32 -28.05
CA ARG A 291 10.94 7.68 -28.63
C ARG A 291 11.54 8.67 -29.62
N GLN A 292 12.62 8.34 -30.31
CA GLN A 292 13.20 9.33 -31.23
C GLN A 292 12.17 9.84 -32.27
N ASP A 293 11.94 11.15 -32.27
CA ASP A 293 11.02 11.76 -33.23
C ASP A 293 9.53 11.38 -33.08
N HIS A 294 9.18 10.78 -31.95
CA HIS A 294 7.82 10.30 -31.89
C HIS A 294 7.35 10.10 -30.47
N ALA A 295 6.13 10.59 -30.21
CA ALA A 295 5.62 10.45 -28.86
C ALA A 295 4.20 9.94 -28.96
N GLU A 296 3.77 9.09 -28.04
CA GLU A 296 2.39 8.63 -28.04
C GLU A 296 1.72 8.73 -26.68
N GLN A 297 0.41 8.90 -26.63
CA GLN A 297 -0.26 8.84 -25.33
C GLN A 297 -1.41 7.85 -25.49
N PHE A 298 -1.54 6.91 -24.56
CA PHE A 298 -2.65 5.95 -24.59
C PHE A 298 -3.54 6.15 -23.37
N VAL A 299 -4.83 6.37 -23.60
CA VAL A 299 -5.84 6.48 -22.54
C VAL A 299 -6.37 5.12 -22.14
N LEU A 300 -6.32 4.78 -20.86
CA LEU A 300 -6.76 3.44 -20.48
C LEU A 300 -8.11 3.51 -19.73
N PRO A 301 -8.76 2.34 -19.52
CA PRO A 301 -10.07 2.43 -18.89
C PRO A 301 -9.92 2.82 -17.42
N ALA A 302 -10.94 3.52 -16.91
CA ALA A 302 -11.06 3.79 -15.47
C ALA A 302 -11.29 2.51 -14.67
N HIS A 303 -10.77 2.46 -13.44
CA HIS A 303 -10.97 1.30 -12.55
C HIS A 303 -10.97 1.71 -11.08
N ASP A 304 -11.82 1.07 -10.29
CA ASP A 304 -11.89 1.29 -8.85
C ASP A 304 -10.91 0.40 -8.08
N GLN A 305 -9.70 0.90 -7.84
CA GLN A 305 -8.70 0.00 -7.25
C GLN A 305 -9.04 -0.38 -5.83
N PHE A 306 -9.82 0.43 -5.12
CA PHE A 306 -10.06 0.21 -3.70
C PHE A 306 -11.12 -0.87 -3.59
N ALA A 307 -12.16 -0.72 -4.42
CA ALA A 307 -13.11 -1.79 -4.67
C ALA A 307 -12.38 -3.07 -5.03
N LYS A 308 -11.46 -3.04 -5.99
CA LYS A 308 -10.86 -4.28 -6.44
C LYS A 308 -10.03 -4.94 -5.37
N SER A 309 -9.46 -4.15 -4.47
CA SER A 309 -8.61 -4.77 -3.49
C SER A 309 -9.43 -5.31 -2.33
N ILE A 310 -10.46 -4.58 -1.91
CA ILE A 310 -11.45 -5.21 -1.04
C ILE A 310 -11.99 -6.54 -1.63
N ARG A 311 -12.31 -6.53 -2.93
CA ARG A 311 -12.82 -7.74 -3.55
C ARG A 311 -11.78 -8.86 -3.52
N ALA A 312 -10.52 -8.49 -3.77
CA ALA A 312 -9.48 -9.52 -3.74
C ALA A 312 -9.35 -10.15 -2.33
N PHE A 313 -9.41 -9.33 -1.29
CA PHE A 313 -9.36 -9.79 0.10
C PHE A 313 -10.54 -10.71 0.36
N ALA A 314 -11.75 -10.22 0.15
CA ALA A 314 -12.95 -11.02 0.28
C ALA A 314 -12.81 -12.31 -0.53
N GLN A 315 -12.36 -12.29 -1.77
CA GLN A 315 -12.21 -13.56 -2.46
C GLN A 315 -11.28 -14.58 -1.82
N ALA A 316 -10.20 -14.08 -1.24
CA ALA A 316 -9.19 -14.97 -0.70
C ALA A 316 -9.71 -15.54 0.60
N VAL A 317 -10.56 -14.78 1.28
CA VAL A 317 -11.06 -15.18 2.59
C VAL A 317 -12.11 -16.25 2.32
N LEU A 318 -13.07 -16.00 1.41
CA LEU A 318 -14.12 -16.94 1.08
C LEU A 318 -13.62 -18.24 0.50
N SER A 319 -12.61 -18.17 -0.35
CA SER A 319 -12.14 -19.38 -1.06
C SER A 319 -11.06 -20.12 -0.26
N GLY A 320 -10.48 -19.45 0.73
CA GLY A 320 -9.28 -19.88 1.43
C GLY A 320 -8.02 -19.98 0.56
N GLU A 321 -8.06 -19.44 -0.65
CA GLU A 321 -6.85 -19.36 -1.49
C GLU A 321 -6.13 -18.05 -1.20
N HIS A 322 -5.13 -18.17 -0.34
CA HIS A 322 -4.31 -17.05 0.13
C HIS A 322 -2.99 -16.98 -0.64
N PRO A 323 -2.88 -16.15 -1.70
CA PRO A 323 -1.70 -16.31 -2.58
C PRO A 323 -0.38 -16.07 -1.89
N ARG A 324 0.55 -16.97 -2.04
CA ARG A 324 1.84 -16.87 -1.38
C ARG A 324 2.62 -15.67 -1.85
N GLU A 325 2.48 -15.30 -3.12
CA GLU A 325 3.21 -14.20 -3.72
C GLU A 325 2.99 -12.94 -2.90
N TRP A 326 1.74 -12.76 -2.45
CA TRP A 326 1.45 -11.58 -1.64
C TRP A 326 2.30 -11.45 -0.37
N SER A 327 2.39 -12.52 0.39
CA SER A 327 3.09 -12.39 1.66
C SER A 327 4.59 -12.33 1.38
N GLU A 328 5.04 -13.01 0.34
CA GLU A 328 6.46 -12.99 0.02
C GLU A 328 6.80 -11.58 -0.52
N ASP A 329 5.92 -10.99 -1.33
CA ASP A 329 6.09 -9.60 -1.72
C ASP A 329 6.11 -8.63 -0.54
N SER A 330 5.24 -8.81 0.45
CA SER A 330 5.29 -7.96 1.65
C SER A 330 6.60 -8.13 2.42
N LEU A 331 7.14 -9.35 2.44
CA LEU A 331 8.35 -9.57 3.24
C LEU A 331 9.50 -8.85 2.49
N ARG A 332 9.44 -8.92 1.17
CA ARG A 332 10.55 -8.38 0.41
C ARG A 332 10.49 -6.85 0.53
N GLN A 333 9.28 -6.33 0.35
CA GLN A 333 8.98 -4.94 0.57
C GLN A 333 9.54 -4.49 1.92
N ALA A 334 9.20 -5.19 3.00
CA ALA A 334 9.60 -4.73 4.33
C ALA A 334 11.11 -4.70 4.39
N SER A 335 11.76 -5.62 3.68
CA SER A 335 13.22 -5.59 3.71
C SER A 335 13.82 -4.38 3.03
N LEU A 336 13.25 -3.95 1.90
CA LEU A 336 13.83 -2.82 1.16
C LEU A 336 13.61 -1.58 2.00
N VAL A 337 12.46 -1.53 2.65
CA VAL A 337 12.20 -0.38 3.50
C VAL A 337 13.22 -0.34 4.63
N ASP A 338 13.46 -1.47 5.31
CA ASP A 338 14.43 -1.48 6.42
C ASP A 338 15.77 -1.14 5.81
N ALA A 339 16.06 -1.66 4.62
CA ALA A 339 17.34 -1.34 4.01
C ALA A 339 17.52 0.19 3.85
N VAL A 340 16.41 0.88 3.58
CA VAL A 340 16.47 2.27 3.21
C VAL A 340 16.62 3.04 4.51
N ARG A 341 15.90 2.59 5.54
CA ARG A 341 15.89 3.35 6.78
C ARG A 341 17.31 3.34 7.31
N THR A 342 17.88 2.14 7.32
CA THR A 342 19.16 1.87 7.94
C THR A 342 20.24 2.54 7.10
N GLY A 343 20.30 2.21 5.82
CA GLY A 343 21.41 2.62 4.97
C GLY A 343 21.33 4.08 4.56
N ALA A 344 20.18 4.72 4.73
CA ALA A 344 20.09 6.12 4.38
C ALA A 344 21.05 6.98 5.18
N ARG A 345 21.58 7.99 4.50
CA ARG A 345 22.14 9.12 5.21
C ARG A 345 21.02 9.95 5.83
N ASP A 346 21.04 10.19 7.13
CA ASP A 346 19.95 10.93 7.71
C ASP A 346 20.39 12.37 7.90
N ILE A 347 19.52 13.32 7.59
CA ILE A 347 19.89 14.70 7.70
C ILE A 347 18.80 15.40 8.48
N TYR A 348 19.19 16.15 9.51
CA TYR A 348 18.27 16.88 10.38
C TYR A 348 18.23 18.34 10.02
N PHE A 349 17.08 18.98 10.15
CA PHE A 349 17.00 20.37 9.70
C PHE A 349 16.07 21.13 10.65
N PRO A 350 16.33 22.43 10.81
CA PRO A 350 17.60 22.98 10.33
C PRO A 350 18.82 22.43 11.11
#